data_7AJO
#
_entry.id   7AJO
#
_cell.length_a   57.849
_cell.length_b   102.328
_cell.length_c   113.226
_cell.angle_alpha   90.000
_cell.angle_beta   90.000
_cell.angle_gamma   90.000
#
_symmetry.space_group_name_H-M   'P 21 21 21'
#
loop_
_entity.id
_entity.type
_entity.pdbx_description
1 polymer 'L,D-transpeptidase YcbB'
2 non-polymer 1,2-ETHANEDIOL
3 non-polymer '(2~{S},6~{S})-2-azanyl-6-[[(4~{R})-4-azanyl-5-oxidanyl-5-oxidanylidene-pentanoyl]amino]heptanedioic acid'
4 water water
#
_entity_poly.entity_id   1
_entity_poly.type   'polypeptide(L)'
_entity_poly.pdbx_seq_one_letter_code
;AA(MSE)VTQRFVELGWIDSTSPVNEQITNPALVEQIYHSNNDQLLWSDLATANHFEAQLEVIHRASFSPLFSRQLFALK
SYRQQDRWHEYDVLATDTLLQYLSYAEQAPKVGIAWFFEGQLDQPLAPPSEEAQLALH(MSE)AIGNQSLARL(MSE)DE
YTPQDPAYQQLLQAYQSLSSIEFNEVALYEQ(MSE)ERLKRPGDPLSHREALVQRLALVNLDTTSILNDVAYYDASLEKP
IKQFQK(MSE)HGLQTDGVIGPQT(MSE)KWLNTSVTERLALLALNAERIRLWPTQQDS(MSE)IVVNVPGFD(MSE)KY
WDAGREVFESKVVVGKTTRPTPV(MSE)NTKLDSLIINPTWNVPHKI(MSE)VEDILP(MSE)VKRDSEYLANHH(MSE)
EIIRGWSDPEVIDPALIDWEAVEPETFPYRLRQQAGVQNALGTYKFNTPNSRAIYLHDTPSKHLFNNASRAFSSGCIRVE
NAEKFAQTLLANQGITLDDFPVSTQAIALKKRIPVHIIYQTVWYEEGVLHYRDDIYHYDALALGNGDASPNLTKIENLYF
QGSSSHHHHHH
;
_entity_poly.pdbx_strand_id   A
#
loop_
_chem_comp.id
_chem_comp.type
_chem_comp.name
_chem_comp.formula
EDO non-polymer 1,2-ETHANEDIOL 'C2 H6 O2'
S2K non-polymer '(2~{S},6~{S})-2-azanyl-6-[[(4~{R})-4-azanyl-5-oxidanyl-5-oxidanylidene-pentanoyl]amino]heptanedioic acid' 'C12 H21 N3 O7'
#
# COMPACT_ATOMS: atom_id res chain seq x y z
N ARG A 7 33.56 -12.29 18.34
CA ARG A 7 32.97 -13.55 17.75
C ARG A 7 33.43 -13.67 16.28
N PHE A 8 34.09 -14.78 15.94
CA PHE A 8 34.69 -15.06 14.61
C PHE A 8 34.06 -16.35 14.07
N VAL A 9 33.78 -16.38 12.77
CA VAL A 9 33.15 -17.57 12.12
C VAL A 9 34.24 -18.65 12.07
N GLU A 10 34.00 -19.80 12.68
CA GLU A 10 35.00 -20.88 12.87
C GLU A 10 35.12 -21.67 11.58
N LEU A 11 35.81 -21.09 10.60
CA LEU A 11 36.13 -21.69 9.30
C LEU A 11 37.62 -21.47 9.03
N GLY A 12 38.28 -22.48 8.49
CA GLY A 12 39.70 -22.43 8.12
C GLY A 12 39.97 -21.29 7.16
N TRP A 13 39.12 -21.11 6.15
CA TRP A 13 39.46 -20.26 4.97
C TRP A 13 38.93 -18.83 5.14
N ILE A 14 38.56 -18.44 6.36
CA ILE A 14 38.20 -17.04 6.74
C ILE A 14 39.08 -16.65 7.92
N ASP A 15 39.99 -15.70 7.74
CA ASP A 15 40.82 -15.25 8.88
C ASP A 15 39.93 -14.54 9.90
N SER A 16 40.24 -14.66 11.19
CA SER A 16 39.53 -14.02 12.32
C SER A 16 39.53 -12.50 12.16
N THR A 17 40.56 -11.97 11.49
CA THR A 17 40.77 -10.51 11.26
C THR A 17 39.92 -10.00 10.10
N SER A 18 39.34 -10.88 9.26
CA SER A 18 38.53 -10.48 8.07
C SER A 18 37.39 -9.57 8.50
N PRO A 19 37.11 -8.50 7.75
CA PRO A 19 35.95 -7.66 8.01
C PRO A 19 34.58 -8.39 7.98
N VAL A 20 34.48 -9.57 7.35
CA VAL A 20 33.18 -10.29 7.27
C VAL A 20 32.75 -10.72 8.66
N ASN A 21 33.69 -10.87 9.61
CA ASN A 21 33.34 -11.28 11.00
C ASN A 21 32.51 -10.18 11.63
N GLU A 22 32.64 -8.93 11.21
CA GLU A 22 31.78 -7.83 11.70
C GLU A 22 30.50 -7.71 10.88
N GLN A 23 30.38 -8.41 9.77
CA GLN A 23 29.23 -8.16 8.86
C GLN A 23 28.22 -9.31 8.99
N ILE A 24 28.68 -10.50 9.38
CA ILE A 24 27.86 -11.74 9.52
C ILE A 24 26.94 -11.53 10.72
N THR A 25 25.65 -11.80 10.57
CA THR A 25 24.63 -11.66 11.62
C THR A 25 24.50 -12.96 12.43
N ASN A 26 24.79 -14.12 11.85
CA ASN A 26 24.56 -15.43 12.51
C ASN A 26 25.75 -16.35 12.20
N PRO A 27 26.93 -16.06 12.79
CA PRO A 27 28.12 -16.88 12.59
C PRO A 27 27.94 -18.35 13.00
N ALA A 28 27.23 -18.61 14.09
CA ALA A 28 27.00 -19.97 14.61
C ALA A 28 26.31 -20.79 13.52
N LEU A 29 25.24 -20.27 12.91
CA LEU A 29 24.47 -21.05 11.93
C LEU A 29 25.27 -21.15 10.61
N VAL A 30 25.95 -20.08 10.24
CA VAL A 30 26.70 -20.06 8.96
C VAL A 30 27.81 -21.11 9.06
N GLU A 31 28.51 -21.21 10.17
CA GLU A 31 29.62 -22.20 10.26
C GLU A 31 29.05 -23.61 10.23
N GLN A 32 27.93 -23.85 10.89
CA GLN A 32 27.28 -25.19 10.85
C GLN A 32 26.90 -25.58 9.43
N ILE A 33 26.36 -24.66 8.63
CA ILE A 33 25.99 -24.91 7.20
C ILE A 33 27.24 -25.31 6.43
N TYR A 34 28.34 -24.58 6.61
CA TYR A 34 29.59 -24.90 5.92
C TYR A 34 30.09 -26.29 6.35
N HIS A 35 30.12 -26.55 7.66
CA HIS A 35 30.65 -27.82 8.24
C HIS A 35 29.82 -28.99 7.70
N SER A 36 28.50 -28.79 7.52
CA SER A 36 27.56 -29.82 7.03
C SER A 36 27.80 -30.08 5.54
N ASN A 37 28.56 -29.21 4.87
CA ASN A 37 28.76 -29.23 3.40
C ASN A 37 30.26 -29.33 3.11
N ASN A 38 31.02 -29.84 4.08
CA ASN A 38 32.46 -30.17 3.91
C ASN A 38 33.23 -28.88 3.64
N ASP A 39 32.77 -27.78 4.22
CA ASP A 39 33.38 -26.43 4.07
C ASP A 39 33.63 -26.08 2.61
N GLN A 40 32.76 -26.52 1.70
CA GLN A 40 32.76 -26.14 0.28
C GLN A 40 32.08 -24.76 0.12
N LEU A 41 32.56 -23.98 -0.84
CA LEU A 41 31.93 -22.69 -1.25
C LEU A 41 30.53 -22.99 -1.81
N LEU A 42 29.56 -22.13 -1.49
CA LEU A 42 28.17 -22.30 -1.97
C LEU A 42 27.94 -21.44 -3.21
N TRP A 43 28.75 -20.42 -3.47
CA TRP A 43 28.43 -19.36 -4.47
C TRP A 43 29.39 -19.35 -5.67
N SER A 44 29.99 -20.49 -6.01
CA SER A 44 31.04 -20.57 -7.06
C SER A 44 30.42 -20.49 -8.46
N ASP A 45 29.12 -20.77 -8.60
CA ASP A 45 28.39 -20.49 -9.86
C ASP A 45 28.03 -19.00 -9.87
N LEU A 46 28.70 -18.25 -10.74
CA LEU A 46 28.47 -16.80 -10.97
C LEU A 46 27.01 -16.56 -11.30
N ALA A 47 26.36 -17.43 -12.07
CA ALA A 47 24.94 -17.23 -12.39
C ALA A 47 24.10 -17.19 -11.09
N THR A 48 24.49 -17.94 -10.06
CA THR A 48 23.80 -18.04 -8.75
C THR A 48 24.08 -16.77 -7.94
N ALA A 49 25.34 -16.34 -7.92
CA ALA A 49 25.74 -15.07 -7.29
C ALA A 49 24.94 -13.93 -7.94
N ASN A 50 24.91 -13.90 -9.27
CA ASN A 50 24.19 -12.86 -10.05
C ASN A 50 22.71 -12.87 -9.68
N HIS A 51 22.12 -14.06 -9.58
CA HIS A 51 20.67 -14.20 -9.32
C HIS A 51 20.38 -13.62 -7.93
N PHE A 52 21.21 -13.85 -6.92
CA PHE A 52 20.95 -13.36 -5.54
C PHE A 52 21.19 -11.85 -5.53
N GLU A 53 22.22 -11.36 -6.20
CA GLU A 53 22.45 -9.89 -6.21
C GLU A 53 21.25 -9.20 -6.87
N ALA A 54 20.64 -9.83 -7.88
CA ALA A 54 19.52 -9.22 -8.61
C ALA A 54 18.31 -9.16 -7.67
N GLN A 55 18.13 -10.15 -6.81
CA GLN A 55 17.05 -10.13 -5.79
C GLN A 55 17.32 -9.02 -4.78
N LEU A 56 18.55 -8.91 -4.30
CA LEU A 56 18.92 -7.88 -3.32
C LEU A 56 18.73 -6.50 -3.96
N GLU A 57 19.01 -6.36 -5.25
CA GLU A 57 18.92 -5.08 -6.00
C GLU A 57 17.46 -4.61 -6.02
N VAL A 58 16.51 -5.52 -6.14
CA VAL A 58 15.06 -5.19 -5.99
C VAL A 58 14.83 -4.58 -4.60
N ILE A 59 15.30 -5.25 -3.55
CA ILE A 59 15.10 -4.81 -2.14
C ILE A 59 15.81 -3.48 -1.99
N HIS A 60 16.97 -3.34 -2.60
CA HIS A 60 17.76 -2.09 -2.46
C HIS A 60 16.96 -0.93 -3.08
N ARG A 61 16.51 -1.13 -4.30
CA ARG A 61 15.75 -0.06 -5.00
C ARG A 61 14.47 0.28 -4.22
N ALA A 62 13.85 -0.73 -3.62
CA ALA A 62 12.60 -0.56 -2.86
C ALA A 62 12.84 0.36 -1.67
N SER A 63 14.07 0.38 -1.16
CA SER A 63 14.60 1.37 -0.18
C SER A 63 14.06 1.17 1.24
N PHE A 64 13.36 0.09 1.56
CA PHE A 64 12.77 -0.12 2.91
C PHE A 64 13.78 -0.82 3.83
N SER A 65 14.95 -1.24 3.34
CA SER A 65 15.87 -2.09 4.16
C SER A 65 17.28 -1.56 4.15
N PRO A 66 17.69 -0.72 5.11
CA PRO A 66 19.12 -0.44 5.24
C PRO A 66 19.95 -1.72 5.48
N LEU A 67 19.41 -2.72 6.20
CA LEU A 67 20.10 -4.04 6.38
C LEU A 67 20.53 -4.62 5.01
N PHE A 68 19.57 -4.92 4.14
CA PHE A 68 19.86 -5.59 2.86
C PHE A 68 20.72 -4.71 1.99
N SER A 69 20.51 -3.39 2.03
CA SER A 69 21.30 -2.45 1.20
C SER A 69 22.76 -2.53 1.65
N ARG A 70 22.97 -2.55 2.97
CA ARG A 70 24.33 -2.62 3.60
C ARG A 70 25.01 -3.92 3.17
N GLN A 71 24.29 -5.03 3.20
CA GLN A 71 24.90 -6.35 2.88
C GLN A 71 25.16 -6.38 1.36
N LEU A 72 24.23 -5.88 0.54
CA LEU A 72 24.46 -5.86 -0.92
C LEU A 72 25.72 -5.05 -1.19
N PHE A 73 25.87 -3.89 -0.57
CA PHE A 73 27.03 -3.03 -0.90
CA PHE A 73 27.04 -3.00 -0.81
C PHE A 73 28.31 -3.78 -0.51
N ALA A 74 28.36 -4.42 0.66
CA ALA A 74 29.52 -5.24 1.09
C ALA A 74 29.77 -6.40 0.11
N LEU A 75 28.74 -7.14 -0.29
CA LEU A 75 28.90 -8.23 -1.28
C LEU A 75 29.54 -7.69 -2.56
N LYS A 76 29.00 -6.61 -3.13
CA LYS A 76 29.51 -6.07 -4.42
C LYS A 76 30.97 -5.65 -4.24
N SER A 77 31.32 -5.14 -3.08
CA SER A 77 32.71 -4.71 -2.79
C SER A 77 33.65 -5.92 -2.80
N TYR A 78 33.29 -7.02 -2.14
CA TYR A 78 34.14 -8.23 -2.09
C TYR A 78 34.30 -8.74 -3.51
N ARG A 79 33.20 -8.76 -4.25
CA ARG A 79 33.20 -9.26 -5.64
C ARG A 79 34.11 -8.38 -6.53
N GLN A 80 34.06 -7.06 -6.40
CA GLN A 80 34.90 -6.14 -7.20
C GLN A 80 36.37 -6.48 -6.92
N GLN A 81 36.70 -6.88 -5.69
CA GLN A 81 38.09 -7.21 -5.26
C GLN A 81 38.46 -8.67 -5.49
N ASP A 82 37.53 -9.51 -6.01
CA ASP A 82 37.74 -10.97 -6.20
C ASP A 82 37.94 -11.65 -4.84
N ARG A 83 37.38 -11.10 -3.77
CA ARG A 83 37.44 -11.73 -2.44
C ARG A 83 36.27 -12.69 -2.29
N TRP A 84 36.35 -13.81 -3.00
CA TRP A 84 35.22 -14.75 -3.19
C TRP A 84 34.98 -15.58 -1.95
N HIS A 85 35.97 -15.78 -1.09
CA HIS A 85 35.80 -16.56 0.15
C HIS A 85 34.95 -15.74 1.12
N GLU A 86 35.28 -14.46 1.26
CA GLU A 86 34.49 -13.54 2.10
C GLU A 86 33.09 -13.36 1.50
N TYR A 87 33.01 -13.19 0.19
CA TYR A 87 31.73 -13.03 -0.52
C TYR A 87 30.85 -14.23 -0.14
N ASP A 88 31.46 -15.40 -0.19
CA ASP A 88 30.76 -16.70 -0.03
C ASP A 88 30.04 -16.68 1.32
N VAL A 89 30.75 -16.37 2.39
CA VAL A 89 30.19 -16.49 3.77
C VAL A 89 29.18 -15.37 3.99
N LEU A 90 29.47 -14.16 3.51
CA LEU A 90 28.50 -13.04 3.65
C LEU A 90 27.24 -13.33 2.84
N ALA A 91 27.39 -13.85 1.63
CA ALA A 91 26.22 -14.27 0.82
C ALA A 91 25.37 -15.28 1.62
N THR A 92 25.98 -16.34 2.15
CA THR A 92 25.27 -17.39 2.92
C THR A 92 24.55 -16.73 4.11
N ASP A 93 25.21 -15.82 4.82
CA ASP A 93 24.59 -15.10 5.95
C ASP A 93 23.38 -14.30 5.44
N THR A 94 23.56 -13.63 4.31
CA THR A 94 22.55 -12.70 3.76
C THR A 94 21.37 -13.54 3.23
N LEU A 95 21.62 -14.73 2.71
CA LEU A 95 20.53 -15.62 2.24
C LEU A 95 19.68 -16.06 3.45
N LEU A 96 20.29 -16.38 4.57
CA LEU A 96 19.53 -16.72 5.80
C LEU A 96 18.64 -15.52 6.19
N GLN A 97 19.17 -14.30 6.13
CA GLN A 97 18.36 -13.07 6.35
C GLN A 97 17.24 -13.00 5.31
N TYR A 98 17.51 -13.34 4.06
CA TYR A 98 16.49 -13.24 2.99
C TYR A 98 15.37 -14.24 3.31
N LEU A 99 15.74 -15.43 3.74
CA LEU A 99 14.76 -16.50 4.02
C LEU A 99 13.91 -16.06 5.22
N SER A 100 14.51 -15.44 6.21
CA SER A 100 13.79 -14.93 7.40
CA SER A 100 13.78 -14.94 7.39
C SER A 100 12.83 -13.81 6.94
N TYR A 101 13.33 -12.92 6.08
CA TYR A 101 12.52 -11.80 5.49
C TYR A 101 11.29 -12.41 4.80
N ALA A 102 11.51 -13.43 3.99
CA ALA A 102 10.41 -14.02 3.20
C ALA A 102 9.36 -14.61 4.15
N GLU A 103 9.78 -15.26 5.22
CA GLU A 103 8.87 -15.93 6.18
C GLU A 103 8.18 -14.90 7.07
N GLN A 104 8.89 -13.85 7.47
CA GLN A 104 8.42 -12.88 8.48
C GLN A 104 7.59 -11.75 7.85
N ALA A 105 7.74 -11.49 6.54
CA ALA A 105 7.09 -10.33 5.88
C ALA A 105 5.60 -10.39 6.14
N PRO A 106 4.92 -11.53 5.85
CA PRO A 106 3.47 -11.57 6.04
C PRO A 106 3.05 -11.47 7.51
N LYS A 107 3.96 -11.64 8.47
CA LYS A 107 3.61 -11.68 9.92
C LYS A 107 3.85 -10.29 10.52
N VAL A 108 4.94 -9.62 10.20
CA VAL A 108 5.33 -8.39 10.94
C VAL A 108 5.79 -7.29 9.98
N GLY A 109 5.71 -7.53 8.66
CA GLY A 109 6.35 -6.67 7.65
C GLY A 109 5.83 -5.24 7.62
N ILE A 110 4.64 -4.97 8.15
CA ILE A 110 4.14 -3.56 8.18
C ILE A 110 5.21 -2.68 8.84
N ALA A 111 5.90 -3.20 9.85
CA ALA A 111 6.91 -2.48 10.63
C ALA A 111 8.05 -2.06 9.71
N TRP A 112 8.30 -2.78 8.60
CA TRP A 112 9.44 -2.51 7.69
C TRP A 112 9.02 -1.57 6.56
N PHE A 113 7.74 -1.47 6.24
CA PHE A 113 7.29 -0.73 5.03
C PHE A 113 6.55 0.56 5.40
N PHE A 114 5.91 0.62 6.57
CA PHE A 114 4.99 1.73 6.90
C PHE A 114 5.26 2.30 8.30
N GLU A 115 5.75 1.52 9.28
CA GLU A 115 5.96 2.03 10.65
C GLU A 115 7.45 2.04 11.02
N GLY A 116 8.34 2.04 10.04
CA GLY A 116 9.80 1.95 10.22
C GLY A 116 10.49 1.31 9.02
N GLN A 117 11.66 0.73 9.22
CA GLN A 117 12.47 0.14 8.16
C GLN A 117 13.03 -1.19 8.66
N LEU A 118 13.47 -2.04 7.73
CA LEU A 118 14.20 -3.33 8.04
C LEU A 118 15.70 -2.99 8.14
N ASP A 119 16.10 -2.47 9.29
CA ASP A 119 17.47 -1.90 9.49
C ASP A 119 18.28 -2.78 10.46
N GLN A 120 17.63 -3.71 11.16
CA GLN A 120 18.30 -4.60 12.15
C GLN A 120 18.22 -6.03 11.63
N PRO A 121 19.23 -6.87 11.93
CA PRO A 121 19.16 -8.28 11.56
C PRO A 121 17.90 -8.99 12.08
N LEU A 122 17.39 -9.91 11.29
CA LEU A 122 16.22 -10.73 11.67
C LEU A 122 16.69 -11.99 12.37
N ALA A 123 15.77 -12.62 13.08
CA ALA A 123 15.92 -13.94 13.71
C ALA A 123 16.16 -14.95 12.59
N PRO A 124 16.82 -16.08 12.91
CA PRO A 124 17.11 -17.12 11.94
C PRO A 124 15.85 -17.66 11.31
N PRO A 125 15.90 -18.13 10.06
CA PRO A 125 14.71 -18.65 9.39
C PRO A 125 14.28 -19.96 10.05
N SER A 126 13.09 -20.43 9.70
CA SER A 126 12.46 -21.64 10.26
C SER A 126 13.30 -22.87 9.96
N GLU A 127 13.05 -23.94 10.70
CA GLU A 127 13.71 -25.26 10.45
C GLU A 127 13.33 -25.74 9.04
N GLU A 128 12.11 -25.47 8.58
CA GLU A 128 11.65 -25.88 7.23
C GLU A 128 12.51 -25.17 6.17
N ALA A 129 12.75 -23.87 6.36
CA ALA A 129 13.63 -23.10 5.48
C ALA A 129 15.06 -23.65 5.58
N GLN A 130 15.50 -24.06 6.76
CA GLN A 130 16.91 -24.49 6.96
C GLN A 130 17.09 -25.85 6.29
N LEU A 131 16.08 -26.71 6.35
CA LEU A 131 16.13 -27.99 5.62
C LEU A 131 16.16 -27.71 4.11
N ALA A 132 15.24 -26.87 3.59
CA ALA A 132 15.19 -26.49 2.15
C ALA A 132 16.55 -25.95 1.72
N LEU A 133 17.23 -25.15 2.56
CA LEU A 133 18.59 -24.66 2.25
C LEU A 133 19.58 -25.82 2.17
N HIS A 134 19.59 -26.69 3.18
CA HIS A 134 20.52 -27.85 3.17
C HIS A 134 20.33 -28.65 1.88
N MSE A 135 19.09 -28.99 1.57
CA MSE A 135 18.80 -29.72 0.32
C MSE A 135 19.29 -28.93 -0.91
O MSE A 135 19.88 -29.54 -1.81
CB MSE A 135 17.30 -29.98 0.25
CG MSE A 135 16.93 -30.75 -0.95
SE MSE A 135 15.05 -31.29 -0.82
CE MSE A 135 14.47 -31.25 -2.71
N ALA A 136 19.04 -27.64 -0.96
CA ALA A 136 19.40 -26.81 -2.13
C ALA A 136 20.92 -26.78 -2.26
N ILE A 137 21.63 -26.69 -1.17
CA ILE A 137 23.11 -26.67 -1.24
C ILE A 137 23.62 -27.96 -1.89
N GLY A 138 23.02 -29.09 -1.50
CA GLY A 138 23.37 -30.43 -2.03
C GLY A 138 23.16 -30.52 -3.52
N ASN A 139 22.09 -29.89 -4.02
CA ASN A 139 21.64 -29.95 -5.43
C ASN A 139 22.15 -28.77 -6.26
N GLN A 140 22.95 -27.87 -5.68
CA GLN A 140 23.32 -26.57 -6.27
C GLN A 140 22.08 -25.86 -6.84
N SER A 141 20.98 -25.85 -6.10
CA SER A 141 19.69 -25.22 -6.52
C SER A 141 19.38 -23.98 -5.67
N LEU A 142 20.39 -23.21 -5.24
CA LEU A 142 20.13 -22.01 -4.43
C LEU A 142 19.23 -21.03 -5.20
N ALA A 143 19.40 -20.89 -6.53
CA ALA A 143 18.65 -19.92 -7.35
C ALA A 143 17.17 -20.30 -7.29
N ARG A 144 16.89 -21.59 -7.42
CA ARG A 144 15.50 -22.08 -7.31
C ARG A 144 14.97 -21.83 -5.89
N LEU A 145 15.77 -22.06 -4.85
CA LEU A 145 15.34 -21.82 -3.43
C LEU A 145 14.93 -20.35 -3.27
N MSE A 146 15.77 -19.44 -3.76
CA MSE A 146 15.43 -18.02 -3.67
C MSE A 146 14.08 -17.73 -4.35
O MSE A 146 13.29 -17.00 -3.76
CB MSE A 146 16.52 -17.17 -4.29
CG MSE A 146 17.78 -17.23 -3.50
SE MSE A 146 19.20 -16.37 -4.51
CE MSE A 146 18.92 -16.22 -6.37
N ASP A 147 13.85 -18.32 -5.53
CA ASP A 147 12.61 -18.18 -6.27
C ASP A 147 11.42 -18.77 -5.49
N GLU A 148 11.62 -19.90 -4.83
CA GLU A 148 10.54 -20.53 -4.04
C GLU A 148 10.13 -19.64 -2.86
N TYR A 149 11.04 -18.81 -2.36
CA TYR A 149 10.79 -17.88 -1.23
C TYR A 149 10.40 -16.50 -1.78
N THR A 150 9.85 -16.41 -3.01
CA THR A 150 9.12 -15.23 -3.49
C THR A 150 7.64 -15.62 -3.49
N PRO A 151 6.72 -14.66 -3.41
CA PRO A 151 5.29 -14.97 -3.45
C PRO A 151 4.97 -15.74 -4.75
N GLN A 152 4.32 -16.90 -4.57
CA GLN A 152 4.01 -17.85 -5.67
C GLN A 152 2.66 -17.39 -6.19
N ASP A 153 2.67 -16.18 -6.73
CA ASP A 153 1.48 -15.32 -6.94
C ASP A 153 1.74 -14.60 -8.25
N PRO A 154 0.88 -14.82 -9.27
CA PRO A 154 1.11 -14.24 -10.58
C PRO A 154 1.21 -12.71 -10.51
N ALA A 155 0.52 -12.08 -9.57
CA ALA A 155 0.50 -10.61 -9.36
C ALA A 155 1.92 -10.12 -9.06
N TYR A 156 2.65 -10.86 -8.23
CA TYR A 156 4.04 -10.51 -7.90
C TYR A 156 4.91 -10.65 -9.16
N GLN A 157 4.78 -11.76 -9.85
CA GLN A 157 5.57 -12.08 -11.08
C GLN A 157 5.29 -11.05 -12.20
N GLN A 158 4.07 -10.52 -12.33
CA GLN A 158 3.71 -9.48 -13.32
C GLN A 158 4.53 -8.22 -13.00
N LEU A 159 4.69 -7.87 -11.72
CA LEU A 159 5.49 -6.66 -11.39
C LEU A 159 6.95 -6.94 -11.72
N LEU A 160 7.46 -8.12 -11.36
CA LEU A 160 8.89 -8.45 -11.62
C LEU A 160 9.15 -8.55 -13.13
N GLN A 161 8.23 -9.08 -13.91
CA GLN A 161 8.43 -9.11 -15.38
C GLN A 161 8.57 -7.67 -15.92
N ALA A 162 7.72 -6.74 -15.50
CA ALA A 162 7.82 -5.34 -15.97
C ALA A 162 9.13 -4.76 -15.47
N TYR A 163 9.52 -5.06 -14.23
CA TYR A 163 10.78 -4.60 -13.67
C TYR A 163 11.93 -5.03 -14.61
N GLN A 164 11.94 -6.32 -14.99
CA GLN A 164 13.04 -6.90 -15.83
C GLN A 164 13.05 -6.22 -17.22
N SER A 165 11.90 -6.01 -17.86
CA SER A 165 11.80 -5.30 -19.17
C SER A 165 12.36 -3.89 -19.02
N LEU A 166 11.88 -3.11 -18.05
CA LEU A 166 12.30 -1.69 -17.94
C LEU A 166 13.78 -1.60 -17.55
N SER A 167 14.27 -2.56 -16.77
CA SER A 167 15.67 -2.59 -16.28
C SER A 167 16.63 -2.52 -17.46
N SER A 168 16.29 -3.20 -18.54
CA SER A 168 17.18 -3.35 -19.73
C SER A 168 17.24 -2.03 -20.51
N ILE A 169 16.33 -1.05 -20.28
CA ILE A 169 16.33 0.25 -21.02
C ILE A 169 16.42 1.39 -20.01
N GLU A 170 16.82 1.12 -18.77
CA GLU A 170 16.76 2.11 -17.68
C GLU A 170 17.47 3.39 -18.12
N PHE A 171 18.63 3.29 -18.76
CA PHE A 171 19.46 4.49 -19.02
C PHE A 171 19.34 4.98 -20.48
N ASN A 172 18.37 4.50 -21.27
CA ASN A 172 18.15 5.07 -22.62
C ASN A 172 17.58 6.50 -22.49
N GLU A 173 18.14 7.45 -23.20
CA GLU A 173 17.63 8.85 -23.17
C GLU A 173 16.23 8.84 -23.77
N VAL A 174 15.29 9.45 -23.08
CA VAL A 174 13.92 9.73 -23.59
C VAL A 174 13.65 11.18 -23.22
N ALA A 175 13.51 12.01 -24.24
CA ALA A 175 13.16 13.44 -24.13
C ALA A 175 11.96 13.55 -23.21
N LEU A 176 11.93 14.56 -22.34
CA LEU A 176 10.72 14.92 -21.58
C LEU A 176 9.64 15.40 -22.54
N TYR A 177 8.40 15.08 -22.23
CA TYR A 177 7.23 15.69 -22.89
C TYR A 177 7.08 17.11 -22.32
N GLU A 178 6.98 18.06 -23.23
CA GLU A 178 6.86 19.49 -22.87
C GLU A 178 5.66 20.08 -23.59
N GLN A 179 4.95 20.99 -22.94
CA GLN A 179 3.90 21.77 -23.62
C GLN A 179 3.89 23.20 -23.06
N MSE A 180 3.52 24.12 -23.93
CA MSE A 180 3.51 25.59 -23.69
C MSE A 180 2.39 25.92 -22.70
O MSE A 180 2.63 26.69 -21.79
CB MSE A 180 3.29 26.29 -25.03
CG MSE A 180 4.33 25.94 -26.07
SE MSE A 180 6.21 26.05 -25.38
CE MSE A 180 7.22 27.08 -26.81
N GLU A 181 1.21 25.34 -22.88
CA GLU A 181 0.04 25.68 -22.04
C GLU A 181 -0.08 24.66 -20.91
N ARG A 182 -0.89 25.01 -19.90
CA ARG A 182 -1.16 24.17 -18.71
C ARG A 182 -1.98 22.94 -19.15
N LEU A 183 -2.98 23.15 -20.02
CA LEU A 183 -3.89 22.07 -20.49
C LEU A 183 -3.75 21.99 -22.01
N LYS A 184 -3.71 20.77 -22.56
CA LYS A 184 -3.76 20.53 -24.02
C LYS A 184 -4.95 19.61 -24.26
N ARG A 185 -5.86 20.06 -25.08
CA ARG A 185 -7.07 19.30 -25.39
C ARG A 185 -6.96 18.78 -26.81
N PRO A 186 -7.78 17.76 -27.14
CA PRO A 186 -7.91 17.29 -28.50
C PRO A 186 -8.16 18.48 -29.44
N GLY A 187 -7.37 18.59 -30.49
CA GLY A 187 -7.51 19.65 -31.49
C GLY A 187 -6.46 20.71 -31.31
N ASP A 188 -5.82 20.78 -30.16
CA ASP A 188 -4.80 21.83 -29.90
C ASP A 188 -3.49 21.45 -30.56
N PRO A 189 -2.68 22.45 -30.99
CA PRO A 189 -1.35 22.18 -31.49
C PRO A 189 -0.48 21.52 -30.42
N LEU A 190 0.45 20.66 -30.83
CA LEU A 190 1.41 19.97 -29.93
C LEU A 190 2.81 20.22 -30.45
N SER A 191 3.73 20.55 -29.56
CA SER A 191 5.14 20.85 -29.85
C SER A 191 5.99 19.58 -29.71
N HIS A 192 5.54 18.57 -28.94
CA HIS A 192 6.42 17.46 -28.49
C HIS A 192 5.73 16.11 -28.72
N ARG A 193 5.27 15.87 -29.96
CA ARG A 193 4.52 14.64 -30.32
C ARG A 193 5.40 13.42 -30.12
N GLU A 194 6.67 13.50 -30.47
CA GLU A 194 7.55 12.31 -30.49
C GLU A 194 7.81 11.88 -29.04
N ALA A 195 8.17 12.82 -28.16
CA ALA A 195 8.37 12.52 -26.72
C ALA A 195 7.05 11.94 -26.15
N LEU A 196 5.92 12.49 -26.55
CA LEU A 196 4.61 12.03 -26.05
C LEU A 196 4.44 10.55 -26.41
N VAL A 197 4.57 10.19 -27.70
CA VAL A 197 4.38 8.79 -28.18
C VAL A 197 5.42 7.87 -27.53
N GLN A 198 6.68 8.31 -27.43
CA GLN A 198 7.72 7.49 -26.76
C GLN A 198 7.32 7.22 -25.30
N ARG A 199 6.78 8.22 -24.57
CA ARG A 199 6.44 8.04 -23.14
C ARG A 199 5.16 7.21 -23.00
N LEU A 200 4.28 7.21 -23.99
CA LEU A 200 3.14 6.26 -23.92
C LEU A 200 3.64 4.82 -24.09
N ALA A 201 4.60 4.64 -24.99
CA ALA A 201 5.17 3.32 -25.35
C ALA A 201 5.93 2.73 -24.15
N LEU A 202 6.61 3.58 -23.38
CA LEU A 202 7.33 3.17 -22.15
C LEU A 202 6.41 2.40 -21.20
N VAL A 203 5.13 2.69 -21.13
CA VAL A 203 4.24 1.97 -20.18
C VAL A 203 3.44 0.92 -20.93
N ASN A 204 3.85 0.61 -22.15
CA ASN A 204 3.39 -0.61 -22.88
C ASN A 204 1.99 -0.39 -23.45
N LEU A 205 1.65 0.84 -23.75
CA LEU A 205 0.36 1.12 -24.43
C LEU A 205 0.61 0.92 -25.92
N ASP A 206 -0.41 0.47 -26.63
CA ASP A 206 -0.37 0.30 -28.09
C ASP A 206 -0.28 1.68 -28.76
N THR A 207 0.84 1.97 -29.39
CA THR A 207 1.08 3.24 -30.09
C THR A 207 1.07 2.98 -31.60
N THR A 208 0.73 1.77 -32.06
CA THR A 208 0.96 1.41 -33.50
C THR A 208 -0.01 2.12 -34.44
N SER A 209 -1.13 2.66 -33.95
CA SER A 209 -2.12 3.41 -34.78
C SER A 209 -1.93 4.91 -34.62
N ILE A 210 -0.97 5.37 -33.82
CA ILE A 210 -0.78 6.85 -33.70
C ILE A 210 -0.15 7.32 -35.02
N LEU A 211 -0.74 8.33 -35.67
CA LEU A 211 -0.18 8.90 -36.92
C LEU A 211 1.12 9.61 -36.59
N ASN A 212 2.06 9.55 -37.52
CA ASN A 212 3.39 10.22 -37.43
C ASN A 212 3.32 11.67 -37.89
N ASP A 213 4.04 12.57 -37.22
CA ASP A 213 4.36 13.93 -37.73
C ASP A 213 3.07 14.74 -37.92
N VAL A 214 2.07 14.51 -37.09
CA VAL A 214 0.86 15.38 -37.05
C VAL A 214 1.14 16.47 -36.02
N ALA A 215 0.79 17.71 -36.31
CA ALA A 215 1.25 18.90 -35.56
C ALA A 215 0.30 19.19 -34.39
N TYR A 216 -0.73 18.38 -34.20
CA TYR A 216 -1.73 18.66 -33.14
C TYR A 216 -2.20 17.37 -32.45
N TYR A 217 -2.96 17.57 -31.40
CA TYR A 217 -3.57 16.49 -30.60
C TYR A 217 -4.75 15.97 -31.41
N ASP A 218 -4.47 14.96 -32.22
CA ASP A 218 -5.40 14.41 -33.22
C ASP A 218 -6.10 13.21 -32.65
N ALA A 219 -7.08 12.71 -33.41
CA ALA A 219 -7.94 11.58 -33.01
C ALA A 219 -7.05 10.38 -32.64
N SER A 220 -6.01 10.09 -33.40
CA SER A 220 -5.16 8.89 -33.20
C SER A 220 -4.49 8.90 -31.80
N LEU A 221 -4.40 10.07 -31.14
CA LEU A 221 -3.80 10.15 -29.78
C LEU A 221 -4.86 9.98 -28.70
N GLU A 222 -6.15 10.09 -28.99
CA GLU A 222 -7.16 10.26 -27.93
C GLU A 222 -7.30 8.98 -27.08
N LYS A 223 -7.46 7.81 -27.70
CA LYS A 223 -7.56 6.55 -26.94
C LYS A 223 -6.27 6.33 -26.13
N PRO A 224 -5.08 6.33 -26.74
CA PRO A 224 -3.86 6.12 -25.96
C PRO A 224 -3.82 7.06 -24.75
N ILE A 225 -4.15 8.36 -24.90
CA ILE A 225 -4.07 9.30 -23.77
C ILE A 225 -5.06 8.85 -22.67
N LYS A 226 -6.29 8.50 -23.03
CA LYS A 226 -7.31 8.10 -22.04
C LYS A 226 -6.90 6.78 -21.39
N GLN A 227 -6.30 5.86 -22.13
CA GLN A 227 -5.78 4.61 -21.55
C GLN A 227 -4.69 4.95 -20.52
N PHE A 228 -3.78 5.84 -20.88
CA PHE A 228 -2.72 6.29 -19.96
C PHE A 228 -3.35 6.87 -18.70
N GLN A 229 -4.40 7.71 -18.87
CA GLN A 229 -5.06 8.34 -17.71
C GLN A 229 -5.66 7.23 -16.85
N LYS A 230 -6.38 6.29 -17.45
CA LYS A 230 -7.08 5.25 -16.68
C LYS A 230 -6.06 4.41 -15.89
N MSE A 231 -4.94 4.06 -16.54
CA MSE A 231 -3.90 3.25 -15.95
C MSE A 231 -3.34 3.92 -14.68
O MSE A 231 -2.88 3.22 -13.77
CB MSE A 231 -2.75 3.05 -16.95
CG MSE A 231 -1.41 2.63 -16.36
SE MSE A 231 -0.12 2.41 -17.83
CE MSE A 231 -1.15 1.40 -19.17
N HIS A 232 -3.31 5.25 -14.69
CA HIS A 232 -2.75 6.01 -13.58
C HIS A 232 -3.84 6.52 -12.62
N GLY A 233 -5.10 6.07 -12.75
CA GLY A 233 -6.22 6.40 -11.83
C GLY A 233 -6.68 7.83 -12.02
N LEU A 234 -6.32 8.46 -13.14
CA LEU A 234 -6.66 9.88 -13.41
C LEU A 234 -8.04 9.93 -14.01
N GLN A 235 -8.71 11.07 -13.89
CA GLN A 235 -9.97 11.29 -14.65
C GLN A 235 -9.67 11.15 -16.14
N THR A 236 -10.48 10.37 -16.86
CA THR A 236 -10.21 10.05 -18.27
C THR A 236 -10.86 11.13 -19.16
N ASP A 237 -10.46 12.40 -19.00
CA ASP A 237 -11.01 13.58 -19.70
C ASP A 237 -10.28 13.80 -21.04
N GLY A 238 -9.16 13.12 -21.29
CA GLY A 238 -8.39 13.22 -22.53
C GLY A 238 -7.52 14.44 -22.48
N VAL A 239 -7.59 15.20 -21.40
CA VAL A 239 -6.85 16.50 -21.35
C VAL A 239 -5.44 16.23 -20.83
N ILE A 240 -4.44 16.69 -21.55
CA ILE A 240 -3.01 16.55 -21.12
C ILE A 240 -2.74 17.76 -20.25
N GLY A 241 -2.91 17.57 -18.95
CA GLY A 241 -2.62 18.57 -17.92
C GLY A 241 -1.48 18.14 -17.01
N PRO A 242 -1.27 18.85 -15.89
CA PRO A 242 -0.18 18.56 -14.95
C PRO A 242 -0.20 17.14 -14.38
N GLN A 243 -1.38 16.60 -14.08
CA GLN A 243 -1.54 15.23 -13.52
C GLN A 243 -1.05 14.19 -14.55
N THR A 244 -1.49 14.32 -15.80
CA THR A 244 -1.06 13.44 -16.91
C THR A 244 0.44 13.61 -17.17
N MSE A 245 0.93 14.84 -17.17
CA MSE A 245 2.33 15.04 -17.49
C MSE A 245 3.24 14.56 -16.38
O MSE A 245 4.36 14.17 -16.65
CB MSE A 245 2.61 16.51 -17.78
CG MSE A 245 1.96 16.98 -19.06
SE MSE A 245 2.33 18.89 -19.33
CE MSE A 245 4.30 19.11 -19.43
N LYS A 246 2.79 14.65 -15.13
CA LYS A 246 3.60 14.15 -14.02
C LYS A 246 3.98 12.70 -14.36
N TRP A 247 2.99 11.90 -14.72
CA TRP A 247 3.20 10.47 -15.00
C TRP A 247 3.93 10.25 -16.34
N LEU A 248 3.61 11.01 -17.40
CA LEU A 248 4.32 10.86 -18.70
C LEU A 248 5.82 11.02 -18.47
N ASN A 249 6.16 12.01 -17.68
CA ASN A 249 7.56 12.42 -17.48
C ASN A 249 8.21 11.66 -16.29
N THR A 250 7.53 10.71 -15.69
CA THR A 250 8.17 9.78 -14.71
C THR A 250 9.32 9.06 -15.40
N SER A 251 10.48 8.99 -14.78
CA SER A 251 11.65 8.33 -15.40
C SER A 251 11.48 6.80 -15.29
N VAL A 252 12.19 6.04 -16.12
CA VAL A 252 12.27 4.56 -15.98
C VAL A 252 12.84 4.20 -14.60
N THR A 253 13.85 4.92 -14.10
CA THR A 253 14.41 4.71 -12.74
C THR A 253 13.27 4.79 -11.69
N GLU A 254 12.41 5.81 -11.79
CA GLU A 254 11.31 6.02 -10.84
C GLU A 254 10.28 4.90 -11.00
N ARG A 255 9.96 4.47 -12.22
CA ARG A 255 9.00 3.36 -12.44
C ARG A 255 9.57 2.08 -11.82
N LEU A 256 10.87 1.87 -11.98
CA LEU A 256 11.57 0.67 -11.44
C LEU A 256 11.46 0.70 -9.91
N ALA A 257 11.66 1.85 -9.27
CA ALA A 257 11.51 2.03 -7.81
C ALA A 257 10.10 1.62 -7.38
N LEU A 258 9.11 2.10 -8.12
CA LEU A 258 7.69 1.79 -7.79
C LEU A 258 7.42 0.31 -8.00
N LEU A 259 7.93 -0.29 -9.07
CA LEU A 259 7.74 -1.73 -9.32
C LEU A 259 8.39 -2.55 -8.19
N ALA A 260 9.59 -2.17 -7.75
CA ALA A 260 10.36 -2.93 -6.74
C ALA A 260 9.63 -2.86 -5.38
N LEU A 261 9.22 -1.67 -4.98
CA LEU A 261 8.61 -1.43 -3.67
C LEU A 261 7.26 -2.15 -3.67
N ASN A 262 6.52 -2.05 -4.75
CA ASN A 262 5.16 -2.62 -4.76
C ASN A 262 5.23 -4.15 -4.82
N ALA A 263 6.25 -4.68 -5.45
CA ALA A 263 6.45 -6.14 -5.55
C ALA A 263 6.72 -6.68 -4.14
N GLU A 264 7.64 -6.05 -3.41
CA GLU A 264 8.01 -6.47 -2.04
C GLU A 264 6.77 -6.27 -1.11
N ARG A 265 5.95 -5.24 -1.31
CA ARG A 265 4.76 -5.05 -0.44
C ARG A 265 3.79 -6.21 -0.58
N ILE A 266 3.79 -6.87 -1.73
CA ILE A 266 2.88 -8.03 -1.96
C ILE A 266 3.22 -9.13 -0.94
N ARG A 267 4.46 -9.19 -0.45
CA ARG A 267 4.80 -10.17 0.62
C ARG A 267 3.96 -9.92 1.87
N LEU A 268 3.48 -8.70 2.08
CA LEU A 268 2.76 -8.35 3.33
C LEU A 268 1.35 -8.88 3.29
N TRP A 269 0.74 -8.94 2.12
CA TRP A 269 -0.75 -8.92 2.06
C TRP A 269 -1.24 -10.36 2.02
N PRO A 270 -2.34 -10.69 2.72
CA PRO A 270 -2.82 -12.08 2.75
C PRO A 270 -3.44 -12.41 1.39
N THR A 271 -3.46 -13.67 1.00
CA THR A 271 -4.09 -14.11 -0.28
C THR A 271 -5.27 -15.04 -0.04
N GLN A 272 -5.39 -15.64 1.15
CA GLN A 272 -6.53 -16.54 1.48
C GLN A 272 -7.82 -15.77 1.19
N GLN A 273 -8.74 -16.39 0.46
CA GLN A 273 -10.06 -15.79 0.13
C GLN A 273 -11.16 -16.54 0.91
N ASP A 274 -10.82 -17.26 1.99
CA ASP A 274 -11.84 -17.87 2.87
C ASP A 274 -12.86 -16.75 3.11
N SER A 275 -12.38 -15.70 3.75
CA SER A 275 -13.20 -14.58 4.24
C SER A 275 -12.27 -13.43 4.55
N MSE A 276 -12.36 -12.35 3.77
CA MSE A 276 -11.43 -11.24 3.97
C MSE A 276 -11.99 -9.98 3.33
O MSE A 276 -12.66 -10.03 2.32
CB MSE A 276 -10.14 -11.62 3.27
CG MSE A 276 -9.04 -10.59 3.29
SE MSE A 276 -7.77 -11.56 2.13
CE MSE A 276 -7.89 -11.56 0.13
N ILE A 277 -11.65 -8.85 3.91
CA ILE A 277 -11.97 -7.56 3.34
C ILE A 277 -10.62 -6.87 3.16
N VAL A 278 -10.38 -6.33 1.98
CA VAL A 278 -9.14 -5.56 1.67
C VAL A 278 -9.56 -4.21 1.14
N VAL A 279 -8.96 -3.18 1.68
CA VAL A 279 -9.09 -1.77 1.24
C VAL A 279 -7.70 -1.38 0.81
N ASN A 280 -7.56 -0.98 -0.45
CA ASN A 280 -6.31 -0.41 -0.95
C ASN A 280 -6.43 1.13 -0.89
N VAL A 281 -5.72 1.76 0.03
CA VAL A 281 -5.88 3.20 0.29
C VAL A 281 -5.67 4.00 -1.00
N PRO A 282 -4.48 3.93 -1.66
CA PRO A 282 -4.20 4.79 -2.82
C PRO A 282 -4.98 4.45 -4.11
N GLY A 283 -5.64 3.32 -4.14
CA GLY A 283 -6.60 3.02 -5.22
C GLY A 283 -8.02 3.36 -4.83
N PHE A 284 -8.26 3.73 -3.58
CA PHE A 284 -9.60 4.14 -3.06
C PHE A 284 -10.66 3.12 -3.43
N ASP A 285 -10.37 1.87 -3.21
CA ASP A 285 -11.37 0.81 -3.45
C ASP A 285 -11.16 -0.34 -2.49
N MSE A 286 -12.14 -1.25 -2.50
CA MSE A 286 -12.17 -2.34 -1.56
C MSE A 286 -12.88 -3.51 -2.22
O MSE A 286 -13.68 -3.31 -3.13
CB MSE A 286 -12.87 -1.95 -0.25
CG MSE A 286 -14.31 -1.58 -0.35
SE MSE A 286 -15.14 -1.74 1.46
CE MSE A 286 -15.28 -3.71 1.30
N LYS A 287 -12.59 -4.69 -1.66
CA LYS A 287 -13.20 -5.92 -2.04
C LYS A 287 -13.41 -6.75 -0.79
N TYR A 288 -14.46 -7.55 -0.82
CA TYR A 288 -14.84 -8.53 0.22
C TYR A 288 -14.92 -9.90 -0.47
N TRP A 289 -14.17 -10.85 0.07
CA TRP A 289 -14.14 -12.27 -0.37
C TRP A 289 -14.82 -13.11 0.69
N ASP A 290 -15.69 -14.02 0.27
CA ASP A 290 -16.30 -15.06 1.12
C ASP A 290 -16.17 -16.39 0.36
N ALA A 291 -15.81 -17.47 1.05
CA ALA A 291 -15.73 -18.82 0.45
C ALA A 291 -14.89 -18.74 -0.83
N GLY A 292 -13.76 -18.03 -0.78
CA GLY A 292 -12.79 -18.01 -1.89
C GLY A 292 -13.26 -17.22 -3.09
N ARG A 293 -14.41 -16.55 -3.02
CA ARG A 293 -14.94 -15.74 -4.14
C ARG A 293 -15.08 -14.28 -3.69
N GLU A 294 -14.75 -13.36 -4.59
CA GLU A 294 -15.11 -11.92 -4.46
C GLU A 294 -16.64 -11.83 -4.44
N VAL A 295 -17.23 -11.34 -3.37
CA VAL A 295 -18.71 -11.21 -3.27
C VAL A 295 -19.11 -9.73 -3.24
N PHE A 296 -18.17 -8.80 -3.14
CA PHE A 296 -18.53 -7.35 -3.13
C PHE A 296 -17.26 -6.55 -3.44
N GLU A 297 -17.41 -5.50 -4.23
CA GLU A 297 -16.33 -4.51 -4.49
C GLU A 297 -16.98 -3.13 -4.51
N SER A 298 -16.26 -2.10 -4.09
CA SER A 298 -16.79 -0.73 -4.21
C SER A 298 -15.66 0.24 -4.07
N LYS A 299 -15.93 1.44 -4.50
CA LYS A 299 -15.07 2.59 -4.22
C LYS A 299 -15.16 2.92 -2.74
N VAL A 300 -14.16 3.65 -2.27
CA VAL A 300 -14.15 4.16 -0.88
C VAL A 300 -13.60 5.57 -0.93
N VAL A 301 -13.86 6.27 0.16
CA VAL A 301 -13.16 7.51 0.54
C VAL A 301 -12.24 7.12 1.68
N VAL A 302 -11.05 7.71 1.71
CA VAL A 302 -10.04 7.42 2.72
C VAL A 302 -9.60 8.74 3.31
N GLY A 303 -8.74 8.64 4.31
CA GLY A 303 -8.31 9.78 5.10
C GLY A 303 -7.59 10.76 4.22
N LYS A 304 -7.80 12.05 4.46
CA LYS A 304 -6.97 13.14 3.90
C LYS A 304 -5.51 12.88 4.27
N THR A 305 -4.59 13.50 3.55
CA THR A 305 -3.14 13.29 3.75
C THR A 305 -2.78 13.73 5.16
N THR A 306 -3.51 14.67 5.72
CA THR A 306 -3.24 15.23 7.07
C THR A 306 -3.97 14.40 8.13
N ARG A 307 -4.86 13.49 7.75
CA ARG A 307 -5.62 12.61 8.68
C ARG A 307 -5.63 11.22 8.06
N PRO A 308 -4.45 10.63 7.86
CA PRO A 308 -4.31 9.49 6.94
C PRO A 308 -4.94 8.22 7.51
N THR A 309 -5.55 7.42 6.65
CA THR A 309 -5.92 6.05 6.98
C THR A 309 -4.64 5.22 7.16
N PRO A 310 -4.36 4.65 8.34
CA PRO A 310 -3.15 3.84 8.52
C PRO A 310 -3.25 2.46 7.85
N VAL A 311 -2.10 1.96 7.40
CA VAL A 311 -1.96 0.52 7.00
C VAL A 311 -2.04 -0.34 8.24
N MSE A 312 -2.94 -1.32 8.25
CA MSE A 312 -3.20 -2.04 9.46
C MSE A 312 -3.98 -3.29 9.11
O MSE A 312 -4.58 -3.39 8.03
CB MSE A 312 -4.05 -1.18 10.42
CG MSE A 312 -5.42 -0.83 9.88
SE MSE A 312 -6.59 -0.07 11.33
CE MSE A 312 -5.34 1.08 12.23
N ASN A 313 -3.98 -4.20 10.09
CA ASN A 313 -4.83 -5.38 10.08
C ASN A 313 -5.77 -5.26 11.26
N THR A 314 -7.04 -5.58 11.05
CA THR A 314 -8.08 -5.47 12.09
C THR A 314 -9.15 -6.50 11.74
N LYS A 315 -10.20 -6.58 12.51
CA LYS A 315 -11.32 -7.48 12.22
C LYS A 315 -12.62 -6.69 12.34
N LEU A 316 -13.57 -7.09 11.50
CA LEU A 316 -14.95 -6.57 11.51
C LEU A 316 -15.72 -7.38 12.56
N ASP A 317 -16.09 -6.72 13.66
CA ASP A 317 -16.70 -7.38 14.84
C ASP A 317 -18.21 -7.23 14.79
N SER A 318 -18.71 -6.12 14.27
CA SER A 318 -20.13 -5.74 14.47
C SER A 318 -20.51 -4.62 13.53
N LEU A 319 -21.81 -4.48 13.29
CA LEU A 319 -22.45 -3.47 12.46
C LEU A 319 -23.37 -2.67 13.36
N ILE A 320 -23.50 -1.39 13.08
CA ILE A 320 -24.58 -0.58 13.69
C ILE A 320 -25.42 -0.11 12.52
N ILE A 321 -26.70 -0.49 12.57
CA ILE A 321 -27.70 0.04 11.63
C ILE A 321 -28.31 1.30 12.25
N ASN A 322 -28.44 2.36 11.45
CA ASN A 322 -28.94 3.68 11.92
C ASN A 322 -28.10 4.18 13.07
N PRO A 323 -26.77 4.26 12.92
CA PRO A 323 -25.93 4.74 14.00
C PRO A 323 -26.19 6.21 14.27
N THR A 324 -25.94 6.62 15.50
CA THR A 324 -25.71 8.03 15.87
C THR A 324 -24.23 8.26 15.66
N TRP A 325 -23.80 9.50 15.56
CA TRP A 325 -22.36 9.79 15.53
C TRP A 325 -21.97 10.48 16.84
N ASN A 326 -21.20 9.78 17.67
CA ASN A 326 -20.61 10.33 18.91
C ASN A 326 -19.36 11.04 18.47
N VAL A 327 -19.42 12.37 18.41
CA VAL A 327 -18.30 13.19 17.87
C VAL A 327 -17.10 13.03 18.79
N PRO A 328 -15.97 12.51 18.28
CA PRO A 328 -14.76 12.45 19.08
C PRO A 328 -14.38 13.86 19.56
N HIS A 329 -13.88 13.87 20.78
CA HIS A 329 -13.46 15.11 21.48
C HIS A 329 -12.63 15.97 20.55
N LYS A 330 -11.66 15.41 19.85
CA LYS A 330 -10.70 16.22 19.05
C LYS A 330 -11.44 16.88 17.88
N ILE A 331 -12.42 16.20 17.27
CA ILE A 331 -13.23 16.79 16.16
C ILE A 331 -14.09 17.93 16.70
N MSE A 332 -14.71 17.69 17.86
CA MSE A 332 -15.57 18.68 18.49
C MSE A 332 -14.79 19.96 18.73
O MSE A 332 -15.24 21.04 18.35
CB MSE A 332 -16.13 18.15 19.81
CG MSE A 332 -17.08 19.12 20.47
SE MSE A 332 -17.59 18.49 22.27
CE MSE A 332 -15.91 18.83 23.23
N VAL A 333 -13.62 19.83 19.35
CA VAL A 333 -12.81 20.97 19.74
C VAL A 333 -12.23 21.67 18.51
N GLU A 334 -11.61 20.93 17.60
CA GLU A 334 -10.82 21.50 16.48
C GLU A 334 -11.73 21.91 15.33
N ASP A 335 -12.79 21.17 15.01
CA ASP A 335 -13.59 21.39 13.79
C ASP A 335 -14.92 22.08 14.16
N ILE A 336 -15.72 21.47 15.02
CA ILE A 336 -17.17 21.80 15.11
C ILE A 336 -17.41 23.01 16.03
N LEU A 337 -16.91 23.00 17.25
CA LEU A 337 -17.30 24.06 18.22
C LEU A 337 -16.93 25.45 17.70
N PRO A 338 -15.79 25.68 17.01
CA PRO A 338 -15.54 26.99 16.40
C PRO A 338 -16.63 27.46 15.44
N MSE A 339 -17.23 26.53 14.69
CA MSE A 339 -18.33 26.84 13.79
C MSE A 339 -19.61 27.08 14.57
O MSE A 339 -20.42 27.94 14.21
CB MSE A 339 -18.53 25.70 12.79
CG MSE A 339 -17.26 25.37 12.07
SE MSE A 339 -17.51 24.10 10.62
CE MSE A 339 -17.21 25.37 9.12
N VAL A 340 -19.84 26.30 15.64
CA VAL A 340 -21.01 26.49 16.49
C VAL A 340 -20.96 27.90 17.08
N LYS A 341 -19.79 28.34 17.52
CA LYS A 341 -19.62 29.66 18.16
C LYS A 341 -19.99 30.75 17.16
N ARG A 342 -19.76 30.53 15.85
CA ARG A 342 -19.96 31.56 14.79
C ARG A 342 -21.28 31.37 14.04
N ASP A 343 -21.98 30.24 14.18
CA ASP A 343 -23.17 29.92 13.34
C ASP A 343 -24.20 29.26 14.23
N SER A 344 -25.21 30.02 14.63
CA SER A 344 -26.17 29.56 15.66
C SER A 344 -27.11 28.53 15.03
N GLU A 345 -27.04 28.26 13.73
CA GLU A 345 -27.90 27.22 13.08
C GLU A 345 -27.10 25.92 12.84
N TYR A 346 -25.80 25.90 13.11
CA TYR A 346 -24.96 24.71 12.84
C TYR A 346 -25.60 23.46 13.47
N LEU A 347 -25.89 23.48 14.77
CA LEU A 347 -26.28 22.25 15.51
C LEU A 347 -27.63 21.73 14.99
N ALA A 348 -28.59 22.62 14.77
CA ALA A 348 -29.92 22.21 14.24
C ALA A 348 -29.75 21.68 12.82
N ASN A 349 -28.94 22.36 12.01
CA ASN A 349 -28.75 21.99 10.58
C ASN A 349 -28.11 20.59 10.50
N HIS A 350 -27.21 20.26 11.41
CA HIS A 350 -26.46 18.98 11.40
C HIS A 350 -27.13 17.98 12.33
N HIS A 351 -28.31 18.27 12.85
CA HIS A 351 -29.08 17.37 13.75
C HIS A 351 -28.22 16.90 14.92
N MSE A 352 -27.45 17.83 15.48
CA MSE A 352 -26.54 17.48 16.54
C MSE A 352 -27.09 17.95 17.87
O MSE A 352 -27.52 19.11 18.00
CB MSE A 352 -25.19 18.14 16.30
CG MSE A 352 -24.08 17.14 16.31
SE MSE A 352 -22.58 17.98 15.42
CE MSE A 352 -22.15 17.00 13.75
N GLU A 353 -27.03 17.06 18.86
CA GLU A 353 -27.52 17.32 20.19
C GLU A 353 -26.29 17.51 21.05
N ILE A 354 -26.39 18.41 22.03
CA ILE A 354 -25.39 18.50 23.11
C ILE A 354 -25.86 17.57 24.22
N ILE A 355 -24.98 16.69 24.69
CA ILE A 355 -25.29 15.75 25.80
C ILE A 355 -24.25 15.91 26.90
N ARG A 356 -24.67 15.64 28.13
CA ARG A 356 -23.84 15.96 29.32
C ARG A 356 -22.55 15.14 29.21
N GLY A 357 -22.67 13.88 28.82
CA GLY A 357 -21.53 12.99 28.51
C GLY A 357 -22.00 11.65 27.98
N TRP A 358 -21.08 10.78 27.60
CA TRP A 358 -21.43 9.50 26.94
C TRP A 358 -22.18 8.62 27.95
N SER A 359 -21.75 8.67 29.19
CA SER A 359 -22.29 7.79 30.26
C SER A 359 -23.64 8.37 30.73
N ASP A 360 -23.94 9.62 30.34
CA ASP A 360 -25.03 10.46 30.91
C ASP A 360 -25.64 11.30 29.79
N PRO A 361 -26.38 10.66 28.85
CA PRO A 361 -26.82 11.32 27.63
C PRO A 361 -28.03 12.23 27.83
N GLU A 362 -27.93 13.13 28.82
CA GLU A 362 -28.89 14.22 29.11
C GLU A 362 -28.68 15.28 28.02
N VAL A 363 -29.73 15.60 27.29
CA VAL A 363 -29.71 16.57 26.15
C VAL A 363 -29.87 17.98 26.70
N ILE A 364 -28.95 18.84 26.34
CA ILE A 364 -28.92 20.24 26.76
C ILE A 364 -29.21 21.12 25.55
N ASP A 365 -30.27 21.92 25.61
CA ASP A 365 -30.59 22.93 24.56
C ASP A 365 -29.42 23.92 24.46
N PRO A 366 -28.86 24.14 23.26
CA PRO A 366 -27.74 25.09 23.11
C PRO A 366 -28.09 26.55 23.49
N ALA A 367 -29.37 26.89 23.51
CA ALA A 367 -29.86 28.18 24.01
C ALA A 367 -29.42 28.34 25.48
N LEU A 368 -29.21 27.24 26.22
CA LEU A 368 -28.99 27.30 27.69
C LEU A 368 -27.50 27.54 27.98
N ILE A 369 -26.68 27.75 26.96
CA ILE A 369 -25.19 27.88 27.10
C ILE A 369 -24.83 29.30 26.67
N ASP A 370 -23.94 29.91 27.45
CA ASP A 370 -23.39 31.26 27.16
C ASP A 370 -22.23 31.08 26.18
N TRP A 371 -22.50 31.12 24.87
CA TRP A 371 -21.50 30.75 23.83
C TRP A 371 -20.31 31.72 23.80
N GLU A 372 -20.56 32.98 24.15
CA GLU A 372 -19.53 34.05 24.21
C GLU A 372 -18.40 33.58 25.14
N ALA A 373 -18.77 32.94 26.25
CA ALA A 373 -17.87 32.46 27.32
C ALA A 373 -17.28 31.09 26.98
N VAL A 374 -17.75 30.39 25.94
CA VAL A 374 -17.25 29.03 25.60
C VAL A 374 -15.89 29.11 24.90
N GLU A 375 -14.96 28.29 25.36
CA GLU A 375 -13.68 28.00 24.67
C GLU A 375 -13.72 26.52 24.27
N PRO A 376 -13.67 26.20 22.95
CA PRO A 376 -13.70 24.81 22.49
C PRO A 376 -12.89 23.87 23.38
N GLU A 377 -11.68 24.29 23.75
CA GLU A 377 -10.68 23.43 24.43
C GLU A 377 -11.21 22.98 25.79
N THR A 378 -12.06 23.80 26.43
CA THR A 378 -12.57 23.59 27.81
C THR A 378 -14.04 23.14 27.78
N PHE A 379 -14.70 23.14 26.62
CA PHE A 379 -16.13 22.78 26.50
C PHE A 379 -16.37 21.42 27.16
N PRO A 380 -17.23 21.34 28.19
CA PRO A 380 -17.30 20.14 29.01
C PRO A 380 -18.31 19.09 28.56
N TYR A 381 -19.17 19.42 27.60
CA TYR A 381 -20.22 18.50 27.12
C TYR A 381 -19.70 17.82 25.83
N ARG A 382 -20.56 17.00 25.23
CA ARG A 382 -20.22 16.16 24.06
C ARG A 382 -21.32 16.37 23.04
N LEU A 383 -21.02 16.10 21.77
CA LEU A 383 -21.98 16.23 20.65
C LEU A 383 -22.35 14.85 20.14
N ARG A 384 -23.63 14.66 19.85
CA ARG A 384 -24.12 13.37 19.33
C ARG A 384 -25.08 13.68 18.19
N GLN A 385 -24.74 13.23 17.00
CA GLN A 385 -25.54 13.48 15.79
C GLN A 385 -26.60 12.38 15.75
N GLN A 386 -27.84 12.79 15.62
CA GLN A 386 -28.99 11.87 15.48
C GLN A 386 -28.81 10.98 14.24
N ALA A 387 -29.31 9.76 14.36
CA ALA A 387 -29.35 8.76 13.31
C ALA A 387 -30.20 9.31 12.18
N GLY A 388 -29.91 8.94 10.94
CA GLY A 388 -30.69 9.30 9.74
C GLY A 388 -29.81 9.38 8.52
N VAL A 389 -30.42 9.66 7.38
CA VAL A 389 -29.72 9.56 6.08
C VAL A 389 -28.66 10.65 6.00
N GLN A 390 -28.79 11.73 6.78
CA GLN A 390 -27.81 12.85 6.79
C GLN A 390 -26.75 12.69 7.89
N ASN A 391 -26.81 11.63 8.68
CA ASN A 391 -25.74 11.35 9.69
C ASN A 391 -24.41 11.19 8.95
N ALA A 392 -23.29 11.65 9.52
CA ALA A 392 -21.98 11.50 8.87
C ALA A 392 -21.64 10.02 8.64
N LEU A 393 -22.30 9.10 9.33
CA LEU A 393 -21.99 7.66 9.19
C LEU A 393 -23.02 7.02 8.27
N GLY A 394 -23.92 7.82 7.72
CA GLY A 394 -25.05 7.30 6.96
C GLY A 394 -25.85 6.32 7.79
N THR A 395 -26.22 5.20 7.20
CA THR A 395 -27.15 4.22 7.74
C THR A 395 -26.40 3.04 8.35
N TYR A 396 -25.08 2.99 8.25
CA TYR A 396 -24.29 1.77 8.57
C TYR A 396 -22.91 2.17 9.08
N LYS A 397 -22.58 1.65 10.25
CA LYS A 397 -21.20 1.67 10.76
C LYS A 397 -20.71 0.23 10.77
N PHE A 398 -19.52 -0.01 10.21
CA PHE A 398 -18.88 -1.35 10.15
C PHE A 398 -17.76 -1.30 11.18
N ASN A 399 -17.97 -1.83 12.38
CA ASN A 399 -17.07 -1.61 13.53
C ASN A 399 -15.88 -2.57 13.46
N THR A 400 -14.70 -1.99 13.37
CA THR A 400 -13.41 -2.69 13.24
C THR A 400 -12.51 -2.17 14.36
N PRO A 401 -12.67 -2.63 15.62
CA PRO A 401 -11.96 -2.03 16.75
C PRO A 401 -10.45 -2.09 16.57
N ASN A 402 -9.75 -0.96 16.74
CA ASN A 402 -8.26 -1.00 16.70
C ASN A 402 -7.71 0.19 17.48
N SER A 403 -6.40 0.21 17.72
CA SER A 403 -5.73 1.26 18.54
C SER A 403 -5.82 2.64 17.88
N ARG A 404 -6.14 2.76 16.60
CA ARG A 404 -6.25 4.08 15.93
C ARG A 404 -7.70 4.51 15.78
N ALA A 405 -8.68 3.73 16.24
CA ALA A 405 -10.10 4.16 16.29
C ALA A 405 -10.66 4.35 14.86
N ILE A 406 -10.05 3.72 13.87
CA ILE A 406 -10.47 3.71 12.46
C ILE A 406 -11.61 2.70 12.31
N TYR A 407 -12.64 3.04 11.57
CA TYR A 407 -13.66 2.07 11.11
C TYR A 407 -14.20 2.44 9.72
N LEU A 408 -15.15 1.65 9.23
CA LEU A 408 -15.80 1.78 7.92
C LEU A 408 -17.24 2.24 8.17
N HIS A 409 -17.75 3.07 7.27
CA HIS A 409 -19.13 3.57 7.38
C HIS A 409 -19.68 4.06 6.04
N ASP A 410 -20.99 4.17 6.00
CA ASP A 410 -21.80 4.81 4.97
C ASP A 410 -21.55 6.32 5.06
N THR A 411 -22.08 7.07 4.13
CA THR A 411 -21.83 8.52 4.04
C THR A 411 -23.05 9.15 3.40
N PRO A 412 -23.44 10.36 3.85
CA PRO A 412 -24.41 11.17 3.10
C PRO A 412 -23.73 11.85 1.89
N SER A 413 -22.39 11.94 1.88
CA SER A 413 -21.64 12.67 0.81
C SER A 413 -21.23 11.75 -0.35
N LYS A 414 -22.20 11.14 -1.02
CA LYS A 414 -21.98 10.08 -2.04
C LYS A 414 -21.41 10.69 -3.32
N HIS A 415 -21.57 11.97 -3.56
CA HIS A 415 -21.02 12.65 -4.75
C HIS A 415 -19.49 12.47 -4.73
N LEU A 416 -18.86 12.24 -3.57
CA LEU A 416 -17.37 12.26 -3.49
C LEU A 416 -16.82 11.02 -4.20
N PHE A 417 -17.64 9.98 -4.36
CA PHE A 417 -17.23 8.72 -5.02
C PHE A 417 -17.03 8.96 -6.53
N ASN A 418 -17.52 10.07 -7.09
CA ASN A 418 -17.37 10.43 -8.53
C ASN A 418 -16.01 11.05 -8.80
N ASN A 419 -15.28 11.37 -7.76
CA ASN A 419 -13.94 11.96 -7.86
CA ASN A 419 -13.94 11.97 -7.94
C ASN A 419 -12.90 10.85 -8.13
N ALA A 420 -11.87 11.14 -8.92
CA ALA A 420 -10.76 10.20 -9.19
C ALA A 420 -9.90 10.03 -7.94
N SER A 421 -9.65 11.10 -7.19
CA SER A 421 -8.87 11.06 -5.92
C SER A 421 -9.83 11.22 -4.73
N ARG A 422 -9.81 10.33 -3.73
CA ARG A 422 -10.88 10.31 -2.72
C ARG A 422 -10.31 10.27 -1.31
N ALA A 423 -9.30 11.11 -1.07
CA ALA A 423 -8.71 11.33 0.26
C ALA A 423 -9.38 12.55 0.93
N PHE A 424 -10.55 12.33 1.52
CA PHE A 424 -11.44 13.37 2.09
C PHE A 424 -11.72 13.19 3.57
N SER A 425 -11.49 12.02 4.17
CA SER A 425 -12.01 11.72 5.52
C SER A 425 -11.00 12.11 6.60
N SER A 426 -11.43 11.95 7.84
CA SER A 426 -10.57 12.08 9.04
C SER A 426 -9.83 10.78 9.35
N GLY A 427 -9.85 9.78 8.48
CA GLY A 427 -9.09 8.55 8.72
C GLY A 427 -9.94 7.33 8.44
N CYS A 428 -11.24 7.45 8.69
CA CYS A 428 -12.15 6.34 8.44
C CYS A 428 -12.37 6.12 6.95
N ILE A 429 -12.92 4.95 6.64
CA ILE A 429 -13.12 4.54 5.28
C ILE A 429 -14.61 4.62 5.02
N ARG A 430 -14.99 5.44 4.06
CA ARG A 430 -16.40 5.56 3.64
C ARG A 430 -16.61 4.63 2.46
N VAL A 431 -17.68 3.85 2.54
CA VAL A 431 -17.95 2.75 1.60
C VAL A 431 -19.10 3.15 0.67
N GLU A 432 -18.87 3.13 -0.63
CA GLU A 432 -19.94 3.31 -1.64
C GLU A 432 -20.76 2.02 -1.63
N ASN A 433 -22.06 2.10 -1.83
CA ASN A 433 -22.93 0.88 -1.81
C ASN A 433 -22.79 0.18 -0.46
N ALA A 434 -22.75 0.97 0.62
CA ALA A 434 -22.70 0.50 2.01
C ALA A 434 -23.91 -0.40 2.27
N GLU A 435 -25.08 -0.05 1.75
CA GLU A 435 -26.30 -0.85 1.99
C GLU A 435 -26.05 -2.28 1.48
N LYS A 436 -25.54 -2.41 0.25
CA LYS A 436 -25.23 -3.70 -0.41
C LYS A 436 -24.14 -4.44 0.39
N PHE A 437 -23.10 -3.74 0.84
CA PHE A 437 -22.07 -4.35 1.70
C PHE A 437 -22.72 -4.99 2.95
N ALA A 438 -23.58 -4.25 3.67
CA ALA A 438 -24.26 -4.71 4.90
C ALA A 438 -25.13 -5.92 4.57
N GLN A 439 -25.87 -5.85 3.45
CA GLN A 439 -26.79 -6.95 3.07
C GLN A 439 -25.97 -8.21 2.85
N THR A 440 -24.85 -8.09 2.13
CA THR A 440 -23.97 -9.24 1.76
C THR A 440 -23.32 -9.81 3.04
N LEU A 441 -22.76 -8.95 3.90
CA LEU A 441 -22.19 -9.34 5.22
C LEU A 441 -23.23 -10.13 6.00
N LEU A 442 -24.40 -9.55 6.20
CA LEU A 442 -25.41 -10.15 7.08
C LEU A 442 -25.95 -11.43 6.43
N ALA A 443 -26.12 -11.48 5.11
CA ALA A 443 -26.56 -12.72 4.42
C ALA A 443 -25.58 -13.86 4.73
N ASN A 444 -24.28 -13.62 4.58
CA ASN A 444 -23.20 -14.63 4.72
C ASN A 444 -23.08 -15.09 6.19
N GLN A 445 -23.52 -14.25 7.11
CA GLN A 445 -23.45 -14.48 8.58
C GLN A 445 -24.71 -15.20 9.07
N GLY A 446 -25.71 -15.31 8.21
CA GLY A 446 -26.99 -15.93 8.60
C GLY A 446 -27.75 -15.04 9.53
N ILE A 447 -27.70 -13.73 9.25
CA ILE A 447 -28.50 -12.66 9.91
C ILE A 447 -29.29 -11.94 8.79
N THR A 448 -30.57 -11.67 8.99
CA THR A 448 -31.36 -10.78 8.11
C THR A 448 -32.48 -10.18 8.97
N LEU A 449 -32.81 -8.91 8.77
CA LEU A 449 -33.89 -8.22 9.52
C LEU A 449 -35.17 -8.27 8.68
N ASP A 450 -36.15 -9.05 9.13
CA ASP A 450 -37.51 -9.12 8.52
C ASP A 450 -38.12 -7.72 8.58
N ASP A 451 -38.06 -7.06 9.75
CA ASP A 451 -38.32 -5.60 9.88
C ASP A 451 -36.98 -4.88 9.88
N PHE A 452 -36.71 -4.05 8.87
CA PHE A 452 -35.58 -3.08 8.88
C PHE A 452 -35.84 -2.07 10.00
N PRO A 453 -34.97 -1.97 11.03
CA PRO A 453 -35.17 -1.03 12.13
C PRO A 453 -35.04 0.39 11.59
N VAL A 454 -35.80 1.34 12.12
CA VAL A 454 -35.51 2.77 11.87
C VAL A 454 -35.00 3.35 13.19
N SER A 455 -34.63 2.46 14.13
CA SER A 455 -33.87 2.85 15.33
C SER A 455 -32.48 2.20 15.29
N THR A 456 -31.55 2.78 16.03
CA THR A 456 -30.16 2.31 16.14
C THR A 456 -30.17 0.85 16.62
N GLN A 457 -29.48 -0.02 15.93
CA GLN A 457 -29.34 -1.43 16.34
C GLN A 457 -27.91 -1.91 16.10
N ALA A 458 -27.23 -2.40 17.14
CA ALA A 458 -25.91 -3.03 17.05
C ALA A 458 -26.10 -4.53 16.83
N ILE A 459 -25.34 -5.12 15.89
CA ILE A 459 -25.45 -6.53 15.45
C ILE A 459 -24.06 -7.13 15.52
N ALA A 460 -23.85 -8.08 16.41
CA ALA A 460 -22.56 -8.79 16.49
C ALA A 460 -22.42 -9.67 15.25
N LEU A 461 -21.28 -9.67 14.57
CA LEU A 461 -21.01 -10.73 13.58
C LEU A 461 -20.78 -12.03 14.33
N LYS A 462 -21.28 -13.14 13.81
CA LYS A 462 -21.03 -14.50 14.35
C LYS A 462 -19.66 -14.96 13.86
N LYS A 463 -19.28 -14.59 12.63
CA LYS A 463 -17.96 -14.89 12.03
C LYS A 463 -17.26 -13.53 11.81
N ARG A 464 -16.26 -13.22 12.64
CA ARG A 464 -15.47 -11.96 12.51
C ARG A 464 -14.68 -12.05 11.20
N ILE A 465 -14.62 -10.94 10.46
CA ILE A 465 -13.99 -10.92 9.12
C ILE A 465 -12.74 -10.07 9.22
N PRO A 466 -11.61 -10.66 8.82
CA PRO A 466 -10.34 -9.94 8.71
C PRO A 466 -10.47 -8.77 7.74
N VAL A 467 -9.99 -7.61 8.16
CA VAL A 467 -9.94 -6.36 7.37
C VAL A 467 -8.47 -5.96 7.29
N HIS A 468 -7.96 -5.98 6.07
CA HIS A 468 -6.58 -5.57 5.73
C HIS A 468 -6.66 -4.23 5.01
N ILE A 469 -6.16 -3.20 5.66
CA ILE A 469 -6.01 -1.86 5.04
CA ILE A 469 -6.01 -1.87 5.03
C ILE A 469 -4.58 -1.83 4.50
N ILE A 470 -4.46 -1.80 3.19
CA ILE A 470 -3.17 -1.93 2.47
C ILE A 470 -2.90 -0.64 1.71
N TYR A 471 -1.68 -0.57 1.24
CA TYR A 471 -1.18 0.59 0.51
C TYR A 471 -0.32 0.08 -0.62
N GLN A 472 -0.93 -0.02 -1.77
CA GLN A 472 -0.31 -0.61 -2.97
C GLN A 472 -0.49 0.40 -4.12
N THR A 473 0.59 1.09 -4.54
CA THR A 473 0.54 2.13 -5.59
C THR A 473 0.78 1.54 -6.98
N VAL A 474 1.20 0.28 -7.12
CA VAL A 474 1.28 -0.42 -8.42
C VAL A 474 0.72 -1.81 -8.23
N TRP A 475 -0.13 -2.26 -9.14
CA TRP A 475 -0.65 -3.63 -9.05
C TRP A 475 -1.09 -4.05 -10.44
N TYR A 476 -1.34 -5.34 -10.62
CA TYR A 476 -1.76 -5.91 -11.90
C TYR A 476 -3.20 -6.35 -11.75
N GLU A 477 -4.03 -6.02 -12.71
CA GLU A 477 -5.48 -6.36 -12.67
C GLU A 477 -6.00 -6.30 -14.10
N GLU A 478 -6.90 -7.23 -14.45
CA GLU A 478 -7.49 -7.34 -15.82
C GLU A 478 -6.40 -7.15 -16.86
N GLY A 479 -5.26 -7.79 -16.69
CA GLY A 479 -4.26 -7.90 -17.77
C GLY A 479 -3.32 -6.71 -17.90
N VAL A 480 -3.37 -5.72 -17.02
CA VAL A 480 -2.55 -4.50 -17.20
C VAL A 480 -2.03 -4.04 -15.84
N LEU A 481 -0.97 -3.25 -15.84
CA LEU A 481 -0.48 -2.59 -14.63
C LEU A 481 -1.33 -1.35 -14.35
N HIS A 482 -1.48 -1.01 -13.08
CA HIS A 482 -2.17 0.20 -12.59
C HIS A 482 -1.16 0.92 -11.72
N TYR A 483 -1.08 2.23 -11.84
CA TYR A 483 -0.22 3.07 -10.99
C TYR A 483 -1.12 4.09 -10.29
N ARG A 484 -0.79 4.42 -9.03
CA ARG A 484 -1.56 5.41 -8.24
C ARG A 484 -0.60 6.40 -7.58
N ASP A 485 -1.08 7.62 -7.44
CA ASP A 485 -0.33 8.71 -6.76
C ASP A 485 -0.07 8.27 -5.32
N ASP A 486 1.14 8.56 -4.87
CA ASP A 486 1.64 8.23 -3.52
C ASP A 486 1.11 9.25 -2.49
N ILE A 487 -0.18 9.22 -2.21
CA ILE A 487 -0.85 10.29 -1.41
C ILE A 487 -0.24 10.40 -0.01
N TYR A 488 0.20 9.30 0.63
CA TYR A 488 0.75 9.33 2.01
C TYR A 488 2.28 9.32 2.02
N HIS A 489 2.94 9.45 0.88
CA HIS A 489 4.42 9.60 0.75
C HIS A 489 5.16 8.35 1.22
N TYR A 490 4.53 7.20 1.17
CA TYR A 490 5.23 5.94 1.49
C TYR A 490 6.13 5.46 0.34
N ASP A 491 5.96 5.95 -0.90
CA ASP A 491 6.88 5.64 -2.04
C ASP A 491 8.06 6.65 -2.10
N ALA A 492 8.03 7.68 -1.28
CA ALA A 492 8.85 8.89 -1.47
C ALA A 492 10.34 8.53 -1.37
N LEU A 493 10.71 7.73 -0.39
CA LEU A 493 12.15 7.39 -0.21
C LEU A 493 12.63 6.62 -1.45
N ALA A 494 11.88 5.61 -1.89
CA ALA A 494 12.20 4.83 -3.11
C ALA A 494 12.29 5.75 -4.34
N LEU A 495 11.39 6.71 -4.50
CA LEU A 495 11.39 7.62 -5.67
C LEU A 495 12.56 8.61 -5.57
N GLY A 496 13.09 8.88 -4.39
CA GLY A 496 14.25 9.78 -4.20
C GLY A 496 13.88 11.27 -4.16
N ASN A 497 12.59 11.60 -4.00
CA ASN A 497 12.02 12.97 -4.29
C ASN A 497 11.97 13.87 -3.04
N GLY A 498 12.61 13.51 -1.92
CA GLY A 498 12.77 14.38 -0.73
C GLY A 498 11.45 14.86 -0.15
C1 EDO B . -5.31 16.14 -16.35
C1 EDO B . -4.67 16.38 -16.12
O1 EDO B . -3.96 15.81 -16.66
O1 EDO B . -4.29 17.31 -15.16
C2 EDO B . -6.17 15.08 -15.67
C2 EDO B . -6.18 16.37 -16.42
O2 EDO B . -6.66 14.04 -16.49
O2 EDO B . -7.00 16.26 -15.24
C10 S2K C . -16.04 9.81 10.66
C01 S2K C . -13.36 8.36 11.31
N01 S2K C . -16.58 12.14 10.10
O01 S2K C . -11.68 10.56 13.16
C02 S2K C . -13.87 8.76 12.70
N02 S2K C . -12.81 8.61 13.68
N14 S2K C . -9.58 11.05 17.86
O02 S2K C . -12.85 9.14 10.58
C03 S2K C . -10.83 10.37 15.90
C04 S2K C . -14.59 10.11 12.79
O04 S2K C . -15.41 9.85 7.74
C05 S2K C . -10.64 9.31 14.83
O05 S2K C . -14.45 11.92 8.15
C06 S2K C . -11.71 9.55 13.80
C07 S2K C . -10.13 9.90 17.18
C08 S2K C . -11.14 9.13 18.09
C09 S2K C . -15.98 9.88 12.19
O09 S2K C . -12.22 8.66 17.62
C11 S2K C . -15.55 11.12 10.00
C12 S2K C . -15.14 10.92 8.54
O03 S2K C . -10.83 8.95 19.30
#